data_3IMD
#
_entry.id   3IMD
#
_cell.length_a   42.239
_cell.length_b   42.243
_cell.length_c   110.384
_cell.angle_alpha   90.00
_cell.angle_beta   90.00
_cell.angle_gamma   90.00
#
_symmetry.space_group_name_H-M   'P 21 21 21'
#
loop_
_entity.id
_entity.type
_entity.pdbx_description
1 polymer 'Growth factor receptor-bound protein 2'
2 non-polymer N~2~-{(2R)-4-(methylamino)-4-oxo-2-[4-(phosphonooxy)benzyl]butanoyl}-L-glutaminyl-L-aspartamide
3 non-polymer 'CHLORIDE ION'
4 non-polymer 'MAGNESIUM ION'
5 water water
#
_entity_poly.entity_id   1
_entity_poly.type   'polypeptide(L)'
_entity_poly.pdbx_seq_one_letter_code
;IEMKPHPWFFGKIPRAKAEEMLSKQRHDGAFLIRESESAPGDFSLSVKFGNDVQHFKVLRDGAGKYFLWVVKFNSLNELV
DYHRSTSVSRNQQIFLRDIEQVPQQPTYVQAHHHHHH
;
_entity_poly.pdbx_strand_id   A,B
#
loop_
_chem_comp.id
_chem_comp.type
_chem_comp.name
_chem_comp.formula
CL non-polymer 'CHLORIDE ION' 'Cl -1'
FYQ peptide-like N~2~-{(2R)-4-(methylamino)-4-oxo-2-[4-(phosphonooxy)benzyl]butanoyl}-L-glutaminyl-L-aspartamide 'C21 H31 N6 O10 P'
MG non-polymer 'MAGNESIUM ION' 'Mg 2'
#
# COMPACT_ATOMS: atom_id res chain seq x y z
N MET A 3 7.30 -7.52 -9.27
CA MET A 3 6.88 -7.62 -10.70
C MET A 3 6.20 -6.31 -11.11
N LYS A 4 4.89 -6.19 -10.87
CA LYS A 4 4.12 -4.98 -11.18
C LYS A 4 3.48 -4.42 -9.91
N PRO A 5 3.50 -3.08 -9.71
CA PRO A 5 2.89 -2.49 -8.51
C PRO A 5 1.37 -2.62 -8.58
N HIS A 6 0.73 -2.64 -7.42
CA HIS A 6 -0.71 -2.77 -7.35
C HIS A 6 -1.45 -1.49 -7.74
N PRO A 7 -2.41 -1.59 -8.69
CA PRO A 7 -3.19 -0.42 -9.13
C PRO A 7 -4.29 0.03 -8.16
N TRP A 8 -4.30 -0.56 -6.97
CA TRP A 8 -5.29 -0.24 -5.95
C TRP A 8 -4.83 0.52 -4.72
N PHE A 9 -3.52 0.71 -4.56
CA PHE A 9 -3.01 1.44 -3.39
C PHE A 9 -2.83 2.91 -3.71
N PHE A 10 -3.67 3.73 -3.09
CA PHE A 10 -3.65 5.18 -3.31
C PHE A 10 -3.01 6.01 -2.22
N GLY A 11 -2.54 5.35 -1.17
CA GLY A 11 -1.88 6.04 -0.08
C GLY A 11 -2.80 6.95 0.72
N LYS A 12 -2.29 8.11 1.10
CA LYS A 12 -3.07 9.07 1.88
C LYS A 12 -3.92 10.04 1.04
N ILE A 13 -5.03 9.52 0.52
CA ILE A 13 -5.96 10.37 -0.25
C ILE A 13 -7.18 10.52 0.66
N PRO A 14 -7.75 11.74 0.74
CA PRO A 14 -8.94 11.96 1.58
C PRO A 14 -10.11 11.04 1.21
N ARG A 15 -10.99 10.80 2.18
CA ARG A 15 -12.20 9.98 2.01
C ARG A 15 -13.02 10.52 0.84
N ALA A 16 -13.07 11.84 0.75
CA ALA A 16 -13.79 12.57 -0.28
C ALA A 16 -13.18 12.41 -1.67
N LYS A 17 -11.84 12.35 -1.73
CA LYS A 17 -11.12 12.15 -3.00
C LYS A 17 -11.32 10.75 -3.53
N ALA A 18 -11.51 9.80 -2.62
CA ALA A 18 -11.77 8.40 -2.97
C ALA A 18 -13.14 8.30 -3.61
N GLU A 19 -14.10 9.05 -3.05
CA GLU A 19 -15.49 9.08 -3.55
C GLU A 19 -15.56 9.77 -4.90
N GLU A 20 -14.77 10.84 -5.09
CA GLU A 20 -14.72 11.58 -6.35
C GLU A 20 -14.19 10.68 -7.47
N MET A 21 -13.11 9.97 -7.17
CA MET A 21 -12.45 9.07 -8.12
C MET A 21 -13.37 7.89 -8.48
N LEU A 22 -13.89 7.20 -7.47
CA LEU A 22 -14.76 6.05 -7.69
C LEU A 22 -16.12 6.30 -8.32
N SER A 23 -16.64 7.53 -8.18
CA SER A 23 -17.93 7.91 -8.77
C SER A 23 -17.85 7.96 -10.31
N LYS A 24 -16.63 8.07 -10.83
CA LYS A 24 -16.37 8.11 -12.27
C LYS A 24 -16.16 6.71 -12.87
N GLN A 25 -16.02 5.71 -12.01
CA GLN A 25 -15.83 4.33 -12.45
C GLN A 25 -17.19 3.75 -12.85
N ARG A 26 -17.21 3.01 -13.96
CA ARG A 26 -18.44 2.41 -14.49
C ARG A 26 -18.94 1.15 -13.82
N HIS A 27 -18.01 0.30 -13.39
CA HIS A 27 -18.35 -1.00 -12.80
C HIS A 27 -18.30 -1.12 -11.29
N ASP A 28 -19.32 -1.79 -10.74
CA ASP A 28 -19.44 -2.05 -9.31
C ASP A 28 -18.32 -2.98 -8.86
N GLY A 29 -17.70 -2.67 -7.74
CA GLY A 29 -16.59 -3.47 -7.27
C GLY A 29 -15.27 -2.76 -7.47
N ALA A 30 -15.27 -1.70 -8.30
CA ALA A 30 -14.07 -0.89 -8.56
C ALA A 30 -13.67 -0.33 -7.20
N PHE A 31 -12.42 -0.54 -6.81
CA PHE A 31 -11.96 -0.14 -5.49
C PHE A 31 -10.57 0.48 -5.36
N LEU A 32 -10.24 0.80 -4.10
CA LEU A 32 -8.96 1.34 -3.70
C LEU A 32 -8.74 1.15 -2.21
N ILE A 33 -7.47 1.01 -1.83
CA ILE A 33 -7.07 0.91 -0.43
C ILE A 33 -6.36 2.24 -0.17
N ARG A 34 -6.75 2.90 0.91
CA ARG A 34 -6.17 4.19 1.28
C ARG A 34 -5.76 4.17 2.75
N GLU A 35 -4.94 5.15 3.12
CA GLU A 35 -4.47 5.29 4.49
C GLU A 35 -5.37 6.34 5.11
N SER A 36 -6.18 5.92 6.08
CA SER A 36 -7.14 6.78 6.77
C SER A 36 -6.53 8.03 7.40
N GLU A 37 -7.25 9.14 7.25
CA GLU A 37 -6.86 10.42 7.80
C GLU A 37 -7.51 10.62 9.16
N SER A 38 -8.71 10.05 9.34
CA SER A 38 -9.45 10.15 10.60
C SER A 38 -8.84 9.23 11.66
N ALA A 39 -8.24 8.13 11.21
CA ALA A 39 -7.56 7.17 12.09
C ALA A 39 -6.18 6.85 11.51
N PRO A 40 -5.16 7.69 11.81
CA PRO A 40 -3.78 7.49 11.31
C PRO A 40 -3.17 6.16 11.73
N GLY A 41 -2.61 5.45 10.74
CA GLY A 41 -2.03 4.15 10.99
C GLY A 41 -2.95 3.02 10.55
N ASP A 42 -4.21 3.38 10.33
CA ASP A 42 -5.23 2.43 9.88
C ASP A 42 -5.54 2.60 8.40
N PHE A 43 -5.94 1.52 7.76
CA PHE A 43 -6.28 1.53 6.34
C PHE A 43 -7.79 1.47 6.14
N SER A 44 -8.24 1.91 4.97
CA SER A 44 -9.65 1.88 4.63
C SER A 44 -9.82 1.41 3.20
N LEU A 45 -10.93 0.71 2.96
CA LEU A 45 -11.26 0.18 1.65
C LEU A 45 -12.47 0.97 1.16
N SER A 46 -12.38 1.51 -0.06
CA SER A 46 -13.45 2.28 -0.66
C SER A 46 -13.85 1.55 -1.94
N VAL A 47 -15.14 1.20 -2.04
CA VAL A 47 -15.67 0.44 -3.17
C VAL A 47 -16.85 1.11 -3.85
N LYS A 48 -16.90 0.99 -5.18
CA LYS A 48 -17.99 1.56 -5.99
C LYS A 48 -19.17 0.59 -6.04
N PHE A 49 -20.36 1.12 -5.80
CA PHE A 49 -21.61 0.37 -5.89
C PHE A 49 -22.73 1.31 -6.31
N GLY A 50 -23.12 1.22 -7.58
CA GLY A 50 -24.18 2.04 -8.15
C GLY A 50 -23.78 3.50 -8.17
N ASN A 51 -24.62 4.36 -7.59
CA ASN A 51 -24.34 5.80 -7.53
C ASN A 51 -23.74 6.18 -6.19
N ASP A 52 -23.33 5.16 -5.43
CA ASP A 52 -22.73 5.33 -4.11
C ASP A 52 -21.34 4.72 -4.00
N VAL A 53 -20.64 5.09 -2.95
CA VAL A 53 -19.31 4.58 -2.65
C VAL A 53 -19.37 4.09 -1.20
N GLN A 54 -19.10 2.80 -1.02
CA GLN A 54 -19.10 2.17 0.30
C GLN A 54 -17.70 2.14 0.87
N HIS A 55 -17.58 2.49 2.14
CA HIS A 55 -16.30 2.52 2.84
C HIS A 55 -16.26 1.48 3.94
N PHE A 56 -15.14 0.77 4.03
CA PHE A 56 -14.92 -0.28 5.02
C PHE A 56 -13.62 -0.02 5.74
N LYS A 57 -13.62 -0.24 7.05
CA LYS A 57 -12.40 -0.08 7.83
C LYS A 57 -11.64 -1.41 7.84
N VAL A 58 -10.33 -1.36 7.58
CA VAL A 58 -9.50 -2.56 7.61
C VAL A 58 -9.09 -2.72 9.06
N LEU A 59 -9.66 -3.75 9.69
CA LEU A 59 -9.44 -4.08 11.09
C LEU A 59 -8.21 -4.95 11.32
N ARG A 60 -7.65 -4.87 12.53
CA ARG A 60 -6.46 -5.61 12.93
C ARG A 60 -6.72 -6.46 14.17
N ASP A 61 -6.08 -7.61 14.26
CA ASP A 61 -6.20 -8.45 15.46
C ASP A 61 -4.96 -8.13 16.34
N GLY A 62 -4.69 -8.98 17.34
CA GLY A 62 -3.55 -8.76 18.24
C GLY A 62 -2.18 -8.95 17.61
N ALA A 63 -2.10 -9.82 16.59
CA ALA A 63 -0.86 -10.13 15.88
C ALA A 63 -0.59 -9.19 14.69
N GLY A 64 -1.56 -8.34 14.39
CA GLY A 64 -1.42 -7.41 13.28
C GLY A 64 -1.98 -7.93 11.96
N LYS A 65 -2.81 -8.98 12.00
CA LYS A 65 -3.42 -9.53 10.80
C LYS A 65 -4.63 -8.68 10.39
N TYR A 66 -4.87 -8.59 9.09
CA TYR A 66 -5.94 -7.76 8.52
C TYR A 66 -7.26 -8.47 8.22
N PHE A 67 -8.37 -7.78 8.48
CA PHE A 67 -9.72 -8.30 8.19
C PHE A 67 -10.77 -7.21 8.03
N LEU A 68 -11.88 -7.59 7.42
CA LEU A 68 -13.02 -6.69 7.24
C LEU A 68 -14.17 -7.17 8.11
N TRP A 69 -14.35 -8.49 8.16
CA TRP A 69 -15.42 -9.11 8.95
C TRP A 69 -14.96 -10.21 9.92
N VAL A 70 -14.73 -11.43 9.40
N VAL A 70 -14.73 -11.42 9.41
CA VAL A 70 -14.32 -12.57 10.20
CA VAL A 70 -14.29 -12.56 10.22
C VAL A 70 -12.98 -13.17 9.76
C VAL A 70 -12.98 -13.21 9.78
N VAL A 71 -12.85 -13.49 8.47
CA VAL A 71 -11.63 -14.12 7.92
C VAL A 71 -10.43 -13.13 7.86
N LYS A 72 -9.32 -13.51 8.49
CA LYS A 72 -8.12 -12.65 8.53
C LYS A 72 -6.90 -13.08 7.73
N PHE A 73 -6.08 -12.08 7.35
CA PHE A 73 -4.91 -12.28 6.48
C PHE A 73 -3.61 -11.65 6.93
N ASN A 74 -2.51 -12.22 6.44
CA ASN A 74 -1.15 -11.77 6.74
C ASN A 74 -0.77 -10.46 6.03
N SER A 75 -1.59 -10.05 5.07
CA SER A 75 -1.36 -8.83 4.31
C SER A 75 -2.63 -8.20 3.73
N LEU A 76 -2.50 -6.93 3.33
CA LEU A 76 -3.59 -6.19 2.68
C LEU A 76 -3.79 -6.84 1.30
N ASN A 77 -2.68 -7.28 0.71
CA ASN A 77 -2.64 -7.94 -0.59
C ASN A 77 -3.53 -9.19 -0.62
N GLU A 78 -3.44 -10.00 0.44
CA GLU A 78 -4.24 -11.22 0.54
C GLU A 78 -5.70 -10.92 0.87
N LEU A 79 -5.94 -9.83 1.62
CA LEU A 79 -7.29 -9.37 1.98
C LEU A 79 -8.03 -8.93 0.74
N VAL A 80 -7.34 -8.15 -0.09
CA VAL A 80 -7.87 -7.65 -1.35
C VAL A 80 -8.19 -8.80 -2.31
N ASP A 81 -7.24 -9.72 -2.46
CA ASP A 81 -7.40 -10.87 -3.36
C ASP A 81 -8.52 -11.82 -3.00
N TYR A 82 -8.72 -12.04 -1.70
CA TYR A 82 -9.78 -12.92 -1.20
C TYR A 82 -11.13 -12.29 -1.54
N HIS A 83 -11.23 -10.98 -1.37
CA HIS A 83 -12.45 -10.26 -1.62
C HIS A 83 -12.83 -10.01 -3.09
N ARG A 84 -12.03 -10.58 -3.98
CA ARG A 84 -12.31 -10.52 -5.42
C ARG A 84 -13.30 -11.64 -5.74
N SER A 85 -13.33 -12.67 -4.89
CA SER A 85 -14.23 -13.82 -5.06
C SER A 85 -15.25 -14.04 -3.93
N THR A 86 -15.15 -13.26 -2.86
CA THR A 86 -16.09 -13.32 -1.72
C THR A 86 -16.48 -11.86 -1.49
N SER A 87 -17.79 -11.60 -1.40
CA SER A 87 -18.32 -10.25 -1.21
C SER A 87 -17.79 -9.47 -0.01
N VAL A 88 -17.55 -8.17 -0.22
CA VAL A 88 -17.09 -7.28 0.85
C VAL A 88 -18.27 -6.81 1.69
N SER A 89 -19.47 -6.91 1.11
CA SER A 89 -20.70 -6.45 1.74
C SER A 89 -21.59 -7.58 2.23
N ARG A 90 -22.31 -7.29 3.31
CA ARG A 90 -23.26 -8.23 3.89
C ARG A 90 -24.67 -7.94 3.40
N ASN A 91 -24.82 -6.85 2.66
CA ASN A 91 -26.12 -6.44 2.13
C ASN A 91 -26.24 -6.63 0.61
N GLN A 92 -25.10 -6.65 -0.08
CA GLN A 92 -25.06 -6.84 -1.54
C GLN A 92 -23.88 -7.72 -1.93
N GLN A 93 -23.94 -8.31 -3.12
CA GLN A 93 -22.85 -9.12 -3.64
C GLN A 93 -21.94 -8.17 -4.43
N ILE A 94 -20.89 -7.69 -3.76
CA ILE A 94 -19.92 -6.76 -4.36
C ILE A 94 -18.56 -7.42 -4.30
N PHE A 95 -18.02 -7.73 -5.48
CA PHE A 95 -16.72 -8.37 -5.60
C PHE A 95 -15.73 -7.36 -6.11
N LEU A 96 -14.57 -7.30 -5.47
CA LEU A 96 -13.51 -6.36 -5.82
C LEU A 96 -12.92 -6.62 -7.20
N ARG A 97 -12.84 -5.57 -8.00
CA ARG A 97 -12.26 -5.62 -9.34
C ARG A 97 -11.43 -4.37 -9.51
N ASP A 98 -10.32 -4.49 -10.23
CA ASP A 98 -9.40 -3.37 -10.47
C ASP A 98 -10.05 -2.19 -11.16
N ILE A 99 -9.64 -1.00 -10.75
CA ILE A 99 -10.16 0.23 -11.35
C ILE A 99 -9.62 0.41 -12.78
N GLU A 100 -10.42 1.10 -13.61
CA GLU A 100 -10.02 1.39 -14.98
C GLU A 100 -9.25 2.70 -14.91
N GLN A 101 -7.93 2.55 -15.02
CA GLN A 101 -6.96 3.64 -14.96
C GLN A 101 -6.97 4.59 -16.15
N VAL A 102 -6.50 5.82 -15.87
CA VAL A 102 -6.33 6.85 -16.89
C VAL A 102 -4.98 6.38 -17.47
N PRO A 103 -4.93 6.01 -18.77
CA PRO A 103 -3.68 5.54 -19.39
C PRO A 103 -2.51 6.56 -19.43
N MET B 3 -4.98 11.14 -7.38
CA MET B 3 -5.73 10.71 -8.60
C MET B 3 -5.12 9.51 -9.32
N LYS B 4 -3.84 9.24 -9.02
CA LYS B 4 -3.09 8.11 -9.61
C LYS B 4 -2.61 7.15 -8.51
N PRO B 5 -2.67 5.81 -8.77
CA PRO B 5 -2.21 4.86 -7.75
C PRO B 5 -0.68 4.96 -7.63
N HIS B 6 -0.15 4.61 -6.46
CA HIS B 6 1.28 4.69 -6.22
C HIS B 6 2.08 3.57 -6.89
N PRO B 7 3.08 3.93 -7.72
CA PRO B 7 3.91 2.93 -8.42
C PRO B 7 4.96 2.24 -7.54
N TRP B 8 4.87 2.47 -6.23
CA TRP B 8 5.80 1.87 -5.28
C TRP B 8 5.28 0.80 -4.32
N PHE B 9 3.96 0.57 -4.31
CA PHE B 9 3.40 -0.45 -3.41
C PHE B 9 3.22 -1.77 -4.16
N PHE B 10 4.01 -2.75 -3.74
CA PHE B 10 4.02 -4.08 -4.35
C PHE B 10 3.30 -5.17 -3.57
N GLY B 11 2.75 -4.81 -2.41
CA GLY B 11 2.03 -5.75 -1.58
C GLY B 11 2.90 -6.83 -0.98
N LYS B 12 2.37 -8.05 -0.91
CA LYS B 12 3.11 -9.18 -0.35
C LYS B 12 4.02 -9.82 -1.41
N ILE B 13 5.18 -9.21 -1.59
CA ILE B 13 6.17 -9.69 -2.54
C ILE B 13 7.36 -10.15 -1.69
N PRO B 14 7.89 -11.37 -1.92
CA PRO B 14 9.03 -11.88 -1.15
C PRO B 14 10.25 -10.95 -1.20
N ARG B 15 11.06 -10.96 -0.13
CA ARG B 15 12.27 -10.16 0.00
C ARG B 15 13.17 -10.37 -1.22
N ALA B 16 13.25 -11.63 -1.65
CA ALA B 16 14.04 -12.05 -2.80
C ALA B 16 13.52 -11.52 -4.13
N LYS B 17 12.19 -11.45 -4.26
CA LYS B 17 11.55 -10.93 -5.48
C LYS B 17 11.75 -9.42 -5.60
N ALA B 18 11.83 -8.76 -4.45
CA ALA B 18 12.07 -7.31 -4.38
C ALA B 18 13.50 -7.03 -4.84
N GLU B 19 14.44 -7.90 -4.45
CA GLU B 19 15.85 -7.79 -4.84
C GLU B 19 16.02 -8.08 -6.33
N GLU B 20 15.28 -9.08 -6.84
CA GLU B 20 15.32 -9.45 -8.25
C GLU B 20 14.91 -8.30 -9.16
N MET B 21 13.79 -7.67 -8.82
CA MET B 21 13.29 -6.58 -9.63
C MET B 21 14.10 -5.28 -9.52
N LEU B 22 14.60 -4.98 -8.31
CA LEU B 22 15.39 -3.77 -8.09
C LEU B 22 16.80 -3.81 -8.64
N SER B 23 17.35 -5.02 -8.81
CA SER B 23 18.70 -5.18 -9.37
C SER B 23 18.72 -4.84 -10.87
N LYS B 24 17.54 -4.83 -11.49
CA LYS B 24 17.38 -4.50 -12.90
C LYS B 24 17.19 -3.00 -13.14
N GLN B 25 16.95 -2.26 -12.06
CA GLN B 25 16.77 -0.81 -12.13
C GLN B 25 18.14 -0.15 -12.27
N ARG B 26 18.22 0.88 -13.09
CA ARG B 26 19.50 1.57 -13.34
C ARG B 26 19.92 2.61 -12.31
N HIS B 27 18.94 3.29 -11.73
CA HIS B 27 19.22 4.36 -10.79
C HIS B 27 19.12 4.08 -9.31
N ASP B 28 20.09 4.58 -8.56
CA ASP B 28 20.16 4.44 -7.11
C ASP B 28 19.00 5.23 -6.51
N GLY B 29 18.31 4.61 -5.55
CA GLY B 29 17.17 5.25 -4.95
C GLY B 29 15.87 4.62 -5.42
N ALA B 30 15.93 3.84 -6.50
CA ALA B 30 14.75 3.12 -7.05
C ALA B 30 14.24 2.22 -5.92
N PHE B 31 12.97 2.36 -5.58
CA PHE B 31 12.41 1.63 -4.43
C PHE B 31 11.01 1.04 -4.56
N LEU B 32 10.63 0.37 -3.47
CA LEU B 32 9.31 -0.23 -3.31
C LEU B 32 9.01 -0.48 -1.84
N ILE B 33 7.73 -0.43 -1.51
CA ILE B 33 7.24 -0.73 -0.17
C ILE B 33 6.55 -2.08 -0.35
N ARG B 34 6.85 -2.99 0.57
CA ARG B 34 6.26 -4.33 0.54
C ARG B 34 5.77 -4.71 1.92
N GLU B 35 4.92 -5.73 1.96
CA GLU B 35 4.37 -6.24 3.21
C GLU B 35 5.21 -7.45 3.56
N SER B 36 5.97 -7.33 4.66
CA SER B 36 6.87 -8.36 5.14
C SER B 36 6.23 -9.73 5.36
N GLU B 37 6.97 -10.76 4.95
CA GLU B 37 6.55 -12.15 5.09
C GLU B 37 7.12 -12.72 6.40
N SER B 38 8.30 -12.23 6.79
CA SER B 38 8.97 -12.66 8.02
C SER B 38 8.29 -12.06 9.26
N ALA B 39 7.72 -10.87 9.09
CA ALA B 39 7.00 -10.19 10.16
C ALA B 39 5.65 -9.70 9.62
N PRO B 40 4.62 -10.59 9.60
CA PRO B 40 3.27 -10.25 9.10
C PRO B 40 2.61 -9.08 9.81
N GLY B 41 2.12 -8.12 9.02
CA GLY B 41 1.50 -6.92 9.55
C GLY B 41 2.46 -5.74 9.52
N ASP B 42 3.73 -6.03 9.24
CA ASP B 42 4.76 -5.00 9.15
C ASP B 42 5.15 -4.76 7.70
N PHE B 43 5.59 -3.53 7.43
CA PHE B 43 6.01 -3.14 6.09
C PHE B 43 7.53 -3.02 6.03
N SER B 44 8.06 -3.16 4.82
CA SER B 44 9.50 -3.07 4.60
C SER B 44 9.76 -2.22 3.36
N LEU B 45 10.87 -1.49 3.40
CA LEU B 45 11.29 -0.62 2.31
C LEU B 45 12.53 -1.25 1.67
N SER B 46 12.50 -1.45 0.37
CA SER B 46 13.60 -2.05 -0.38
C SER B 46 14.10 -1.02 -1.38
N VAL B 47 15.39 -0.69 -1.28
CA VAL B 47 16.00 0.34 -2.12
C VAL B 47 17.24 -0.12 -2.87
N LYS B 48 17.36 0.34 -4.11
CA LYS B 48 18.49 0.04 -4.99
C LYS B 48 19.66 0.99 -4.69
N PHE B 49 20.86 0.41 -4.56
CA PHE B 49 22.10 1.16 -4.37
C PHE B 49 23.26 0.34 -4.94
N GLY B 50 23.77 0.78 -6.09
CA GLY B 50 24.87 0.11 -6.77
C GLY B 50 24.47 -1.30 -7.17
N ASN B 51 25.30 -2.28 -6.88
CA ASN B 51 25.00 -3.68 -7.20
C ASN B 51 24.34 -4.40 -6.01
N ASP B 52 23.80 -3.61 -5.08
CA ASP B 52 23.14 -4.10 -3.89
C ASP B 52 21.72 -3.54 -3.73
N VAL B 53 20.95 -4.17 -2.85
CA VAL B 53 19.61 -3.75 -2.52
C VAL B 53 19.56 -3.64 -0.99
N GLN B 54 19.27 -2.43 -0.49
CA GLN B 54 19.20 -2.19 0.94
C GLN B 54 17.77 -2.28 1.43
N HIS B 55 17.57 -3.02 2.53
CA HIS B 55 16.27 -3.20 3.13
C HIS B 55 16.15 -2.49 4.46
N PHE B 56 15.01 -1.82 4.65
CA PHE B 56 14.72 -1.07 5.87
C PHE B 56 13.37 -1.51 6.39
N LYS B 57 13.27 -1.67 7.71
CA LYS B 57 12.00 -2.03 8.31
C LYS B 57 11.23 -0.76 8.66
N VAL B 58 9.95 -0.72 8.29
CA VAL B 58 9.11 0.43 8.61
C VAL B 58 8.60 0.17 10.03
N LEU B 59 9.12 0.96 10.96
CA LEU B 59 8.76 0.86 12.38
C LEU B 59 7.51 1.69 12.71
N ARG B 60 6.82 1.26 13.78
CA ARG B 60 5.60 1.91 14.25
C ARG B 60 5.72 2.34 15.73
N ASP B 61 5.13 3.49 16.09
CA ASP B 61 5.17 3.91 17.50
C ASP B 61 3.91 3.38 18.19
N GLY B 62 3.60 3.90 19.38
CA GLY B 62 2.41 3.47 20.12
C GLY B 62 1.07 3.90 19.54
N ALA B 63 1.08 5.01 18.81
CA ALA B 63 -0.11 5.57 18.17
C ALA B 63 -0.35 5.04 16.76
N GLY B 64 0.65 4.35 16.22
CA GLY B 64 0.54 3.80 14.87
C GLY B 64 1.24 4.60 13.80
N LYS B 65 2.05 5.58 14.19
CA LYS B 65 2.80 6.41 13.23
C LYS B 65 4.00 5.63 12.68
N TYR B 66 4.35 5.90 11.41
CA TYR B 66 5.44 5.19 10.75
C TYR B 66 6.78 5.94 10.72
N PHE B 67 7.88 5.20 10.88
CA PHE B 67 9.23 5.76 10.83
C PHE B 67 10.32 4.76 10.46
N LEU B 68 11.45 5.28 9.99
CA LEU B 68 12.61 4.45 9.66
C LEU B 68 13.68 4.66 10.72
N TRP B 69 13.89 5.93 11.09
CA TRP B 69 14.90 6.29 12.09
C TRP B 69 14.37 7.12 13.27
N VAL B 70 14.11 8.41 13.04
CA VAL B 70 13.64 9.32 14.10
C VAL B 70 12.32 10.03 13.78
N VAL B 71 12.26 10.72 12.62
CA VAL B 71 11.07 11.48 12.21
C VAL B 71 9.92 10.55 11.82
N LYS B 72 8.75 10.75 12.43
CA LYS B 72 7.57 9.92 12.17
C LYS B 72 6.41 10.57 11.44
N PHE B 73 5.62 9.73 10.74
CA PHE B 73 4.51 10.18 9.89
C PHE B 73 3.20 9.44 10.08
N ASN B 74 2.11 10.11 9.67
CA ASN B 74 0.74 9.57 9.76
C ASN B 74 0.45 8.49 8.73
N SER B 75 1.30 8.40 7.71
CA SER B 75 1.12 7.43 6.64
C SER B 75 2.43 6.97 6.00
N LEU B 76 2.36 5.85 5.28
CA LEU B 76 3.48 5.29 4.52
C LEU B 76 3.77 6.25 3.37
N ASN B 77 2.70 6.90 2.88
CA ASN B 77 2.73 7.88 1.78
C ASN B 77 3.63 9.06 2.15
N GLU B 78 3.45 9.57 3.38
CA GLU B 78 4.24 10.70 3.87
C GLU B 78 5.68 10.28 4.20
N LEU B 79 5.87 9.02 4.61
CA LEU B 79 7.21 8.47 4.90
C LEU B 79 8.03 8.44 3.62
N VAL B 80 7.42 7.86 2.59
CA VAL B 80 8.01 7.74 1.27
C VAL B 80 8.37 9.11 0.70
N ASP B 81 7.42 10.04 0.75
CA ASP B 81 7.61 11.38 0.21
C ASP B 81 8.70 12.21 0.89
N TYR B 82 8.80 12.07 2.21
CA TYR B 82 9.82 12.77 2.99
C TYR B 82 11.21 12.28 2.59
N HIS B 83 11.30 10.96 2.40
CA HIS B 83 12.56 10.33 2.04
C HIS B 83 13.03 10.49 0.59
N ARG B 84 12.30 11.31 -0.16
CA ARG B 84 12.66 11.63 -1.53
C ARG B 84 13.67 12.79 -1.46
N SER B 85 13.63 13.54 -0.35
CA SER B 85 14.52 14.68 -0.13
C SER B 85 15.46 14.57 1.09
N THR B 86 15.29 13.52 1.89
CA THR B 86 16.15 13.25 3.06
C THR B 86 16.55 11.78 2.92
N SER B 87 17.84 11.50 3.00
CA SER B 87 18.38 10.14 2.85
C SER B 87 17.79 9.07 3.76
N VAL B 88 17.59 7.87 3.21
CA VAL B 88 17.07 6.72 3.96
C VAL B 88 18.21 6.02 4.71
N SER B 89 19.43 6.26 4.26
CA SER B 89 20.64 5.66 4.81
C SER B 89 21.49 6.59 5.65
N ARG B 90 22.11 6.02 6.68
CA ARG B 90 23.02 6.75 7.56
C ARG B 90 24.45 6.56 7.09
N ASN B 91 24.65 5.73 6.06
CA ASN B 91 25.98 5.47 5.50
C ASN B 91 26.20 6.08 4.11
N GLN B 92 25.11 6.36 3.40
CA GLN B 92 25.18 6.95 2.04
C GLN B 92 24.02 7.90 1.84
N GLN B 93 24.15 8.76 0.82
CA GLN B 93 23.08 9.68 0.46
C GLN B 93 22.22 9.00 -0.59
N ILE B 94 21.17 8.33 -0.13
CA ILE B 94 20.23 7.62 -1.01
C ILE B 94 18.84 8.23 -0.86
N PHE B 95 18.37 8.84 -1.93
CA PHE B 95 17.07 9.49 -1.96
C PHE B 95 16.13 8.67 -2.82
N LEU B 96 14.93 8.44 -2.29
CA LEU B 96 13.91 7.65 -2.97
C LEU B 96 13.41 8.30 -4.26
N ARG B 97 13.36 7.50 -5.32
CA ARG B 97 12.88 7.93 -6.63
C ARG B 97 12.08 6.78 -7.22
N ASP B 98 11.00 7.11 -7.93
CA ASP B 98 10.12 6.11 -8.54
C ASP B 98 10.82 5.15 -9.47
N ILE B 99 10.42 3.89 -9.41
CA ILE B 99 11.00 2.87 -10.28
C ILE B 99 10.57 3.06 -11.73
N GLU B 100 11.43 2.66 -12.66
CA GLU B 100 11.11 2.73 -14.09
C GLU B 100 10.32 1.47 -14.42
N GLN B 101 9.02 1.68 -14.69
CA GLN B 101 8.08 0.63 -15.01
C GLN B 101 8.18 0.11 -16.44
N VAL B 102 7.76 -1.14 -16.61
CA VAL B 102 7.69 -1.75 -17.94
C VAL B 102 6.30 -1.22 -18.39
N PRO B 103 6.24 -0.51 -19.55
CA PRO B 103 4.96 0.03 -20.04
C PRO B 103 3.80 -0.97 -20.24
CAN FYQ C . -15.50 3.83 9.49
CAP FYQ C . -14.69 4.96 9.52
CBH FYQ C . -13.94 5.33 8.41
CAQ FYQ C . -14.01 4.54 7.25
CAO FYQ C . -14.82 3.42 7.22
CBG FYQ C . -15.58 3.07 8.34
OAZ FYQ C . -13.22 6.48 8.47
PBL FYQ C . -12.34 6.85 7.18
OAK FYQ C . -11.13 6.02 7.01
OAM FYQ C . -11.96 8.40 7.37
OAL FYQ C . -13.32 6.80 5.89
CAV FYQ C . -16.58 1.91 8.28
CBI FYQ C . -17.86 2.37 7.59
CBE FYQ C . -18.96 1.29 7.67
OAI FYQ C . -19.66 1.17 8.67
CAU FYQ C . -18.37 3.65 8.25
CBD FYQ C . -19.40 4.35 7.35
NAW FYQ C . -20.59 4.55 7.91
CAA FYQ C . -21.58 5.27 7.09
OAH FYQ C . -19.10 4.69 6.21
NAX FYQ C . -19.09 0.53 6.58
CBK FYQ C . -20.11 -0.53 6.50
CBF FYQ C . -19.92 -1.62 7.56
OAJ FYQ C . -20.90 -2.20 8.03
CAS FYQ C . -20.08 -1.16 5.11
CAR FYQ C . -20.36 -0.12 4.02
CBA FYQ C . -21.75 0.51 4.18
OAE FYQ C . -21.88 1.73 4.17
NAB FYQ C . -22.75 -0.35 4.33
N FYQ C . -18.67 -1.88 7.93
CA FYQ C . -18.38 -2.92 8.93
C FYQ C . -18.12 -2.30 10.31
O FYQ C . -17.52 -2.94 11.18
CB FYQ C . -17.19 -3.77 8.49
CG FYQ C . -15.94 -2.92 8.27
OD1 FYQ C . -16.00 -1.73 7.97
ND2 FYQ C . -14.79 -3.58 8.41
NAD FYQ C . -18.61 -1.08 10.48
CL CL D . -19.82 -14.11 -1.44
MG MG E . -1.56 -9.73 -5.73
CL CL F . -14.65 2.64 -15.88
CL CL G . -14.62 3.18 14.21
CAN FYQ H . 14.91 -6.24 9.14
CAP FYQ H . 14.11 -7.33 8.82
CBH FYQ H . 13.51 -7.41 7.56
CAQ FYQ H . 13.71 -6.39 6.65
CAO FYQ H . 14.51 -5.30 6.98
CBG FYQ H . 15.13 -5.23 8.22
OAZ FYQ H . 12.80 -8.55 7.28
PBL FYQ H . 12.05 -8.56 5.86
OAK FYQ H . 10.88 -7.66 5.79
OAM FYQ H . 11.63 -10.10 5.64
OAL FYQ H . 13.14 -8.25 4.72
CAV FYQ H . 16.14 -4.13 8.55
CBI FYQ H . 17.46 -4.38 7.82
CBE FYQ H . 18.54 -3.38 8.27
OAI FYQ H . 19.13 -3.52 9.33
CAU FYQ H . 17.93 -5.81 8.09
CBD FYQ H . 19.00 -6.21 7.08
NAW FYQ H . 20.19 -6.50 7.62
CAA FYQ H . 21.25 -6.95 6.71
OAH FYQ H . 18.76 -6.27 5.88
NAX FYQ H . 18.77 -2.37 7.44
CBK FYQ H . 19.80 -1.36 7.71
CBF FYQ H . 19.53 -0.59 9.01
OAJ FYQ H . 20.46 -0.15 9.67
CAS FYQ H . 19.89 -0.38 6.54
CAR FYQ H . 20.27 -1.09 5.25
CBA FYQ H . 21.65 -1.75 5.35
OAE FYQ H . 21.69 -3.02 4.99
NAB FYQ H . 22.63 -1.11 5.75
N FYQ H . 18.25 -0.45 9.36
CA FYQ H . 17.88 0.28 10.58
C FYQ H . 17.51 -0.68 11.72
O FYQ H . 16.80 -0.30 12.65
CB FYQ H . 16.74 1.26 10.30
CG FYQ H . 15.48 0.55 9.79
OD1 FYQ H . 15.54 -0.52 9.20
ND2 FYQ H . 14.34 1.20 10.02
NAD FYQ H . 18.02 -1.90 11.62
CL CL I . 19.82 13.92 3.83
#